data_1CGP
#
_entry.id   1CGP
#
_cell.length_a   138.000
_cell.length_b   152.600
_cell.length_c   76.000
_cell.angle_alpha   90.00
_cell.angle_beta   90.00
_cell.angle_gamma   90.00
#
_symmetry.space_group_name_H-M   'C 2 2 21'
#
loop_
_entity.id
_entity.type
_entity.pdbx_description
1 polymer "DNA (5'-D(*GP*CP*GP*AP*AP*AP*AP*GP*TP*GP*TP*GP*AP*CP*AP*TP*AP*T)-3')"
2 polymer "DNA (5'-D(*GP*TP*CP*AP*CP*AP*CP*TP*TP*TP*TP*CP*G)-3')"
3 polymer 'PROTEIN (CATABOLITE GENE ACTIVATOR PROTEIN (CAP))'
4 non-polymer "ADENOSINE-3',5'-CYCLIC-MONOPHOSPHATE"
#
loop_
_entity_poly.entity_id
_entity_poly.type
_entity_poly.pdbx_seq_one_letter_code
_entity_poly.pdbx_strand_id
1 'polydeoxyribonucleotide' (DG)(DC)(DG)(DA)(DA)(DA)(DA)(DG)(DT)(DG)(DT)(DG)(DA)(DC)(DA)(DT)(DA)(DT) C,E
2 'polydeoxyribonucleotide' (DG)(DT)(DC)(DA)(DC)(DA)(DC)(DT)(DT)(DT)(DT)(DC)(DG) D,F
3 'polypeptide(L)'
;VLGKPQTDPTLEWFLSHCHIHKYPSKSTLIHQGEKAETLYYIVKGSVAVLIKDEEGKEMILSYLNQGDFIGELGLFEEGQ
ERSAWVRAKTACEVAEISYKKFRQLIQVNPDILMRLSAQMARRLQVTSEKVGNLAFLDVTGRIAQTLLNLAKQPDAMTHP
DGMQIKITRQEIGQIVGCSRETVGRILKMLEDQNLISAHGKTIVV
;
A,B
#
loop_
_chem_comp.id
_chem_comp.type
_chem_comp.name
_chem_comp.formula
CMP non-polymer ADENOSINE-3',5'-CYCLIC-MONOPHOSPHATE 'C10 H12 N5 O6 P'
DA DNA linking 2'-DEOXYADENOSINE-5'-MONOPHOSPHATE 'C10 H14 N5 O6 P'
DC DNA linking 2'-DEOXYCYTIDINE-5'-MONOPHOSPHATE 'C9 H14 N3 O7 P'
DG DNA linking 2'-DEOXYGUANOSINE-5'-MONOPHOSPHATE 'C10 H14 N5 O7 P'
DT DNA linking THYMIDINE-5'-MONOPHOSPHATE 'C10 H15 N2 O8 P'
#
# COMPACT_ATOMS: atom_id res chain seq x y z
N PRO E 9 -8.99 22.63 16.59
CA PRO E 9 -7.60 22.24 16.41
C PRO E 9 -6.81 22.98 15.31
N THR E 10 -5.59 22.43 15.10
CA THR E 10 -4.69 22.75 13.99
C THR E 10 -5.53 22.82 12.70
N LEU E 11 -6.39 21.80 12.64
CA LEU E 11 -7.43 21.59 11.65
C LEU E 11 -8.12 22.84 11.10
N GLU E 12 -8.65 23.72 11.97
CA GLU E 12 -9.44 24.86 11.54
C GLU E 12 -8.58 25.93 10.89
N TRP E 13 -7.38 26.06 11.47
CA TRP E 13 -6.34 26.95 10.98
C TRP E 13 -5.98 26.53 9.57
N PHE E 14 -5.83 25.22 9.36
CA PHE E 14 -5.57 24.67 8.06
C PHE E 14 -6.73 25.07 7.13
N LEU E 15 -7.92 24.53 7.43
CA LEU E 15 -9.11 24.68 6.60
C LEU E 15 -9.51 26.07 6.16
N SER E 16 -9.21 27.08 6.98
CA SER E 16 -9.43 28.47 6.59
C SER E 16 -8.74 28.85 5.28
N HIS E 17 -7.76 28.10 4.79
CA HIS E 17 -7.17 28.47 3.52
C HIS E 17 -7.16 27.28 2.62
N CYS E 18 -8.42 26.99 2.33
CA CYS E 18 -8.84 25.92 1.47
C CYS E 18 -10.12 26.43 0.86
N HIS E 19 -10.34 26.12 -0.42
CA HIS E 19 -11.57 26.50 -1.11
C HIS E 19 -12.40 25.25 -1.01
N ILE E 20 -13.46 25.39 -0.25
CA ILE E 20 -14.37 24.31 0.06
C ILE E 20 -15.35 24.16 -1.13
N HIS E 21 -15.44 22.99 -1.77
CA HIS E 21 -16.31 22.78 -2.91
C HIS E 21 -17.25 21.62 -2.65
N LYS E 22 -18.37 21.49 -3.32
CA LYS E 22 -19.31 20.43 -3.03
C LYS E 22 -19.46 19.54 -4.26
N TYR E 23 -19.22 18.25 -4.13
CA TYR E 23 -19.30 17.31 -5.21
C TYR E 23 -20.57 16.49 -5.15
N PRO E 24 -21.38 16.31 -6.19
CA PRO E 24 -22.53 15.41 -6.18
C PRO E 24 -22.15 13.94 -6.24
N SER E 25 -23.05 13.05 -5.86
CA SER E 25 -22.79 11.63 -6.00
C SER E 25 -22.46 11.31 -7.45
N LYS E 26 -21.41 10.52 -7.60
CA LYS E 26 -20.80 10.00 -8.81
C LYS E 26 -19.87 10.98 -9.49
N SER E 27 -19.75 12.20 -8.96
CA SER E 27 -18.83 13.09 -9.61
C SER E 27 -17.43 12.54 -9.37
N THR E 28 -16.69 12.66 -10.44
CA THR E 28 -15.31 12.26 -10.46
C THR E 28 -14.54 13.55 -10.12
N LEU E 29 -13.74 13.38 -9.08
CA LEU E 29 -12.91 14.45 -8.62
C LEU E 29 -11.63 14.08 -9.38
N ILE E 30 -10.78 13.25 -8.79
CA ILE E 30 -9.50 12.93 -9.36
C ILE E 30 -9.68 11.95 -10.49
N HIS E 31 -8.95 12.14 -11.58
CA HIS E 31 -8.92 11.14 -12.64
C HIS E 31 -7.51 10.65 -12.47
N GLN E 32 -7.21 9.36 -12.50
CA GLN E 32 -5.83 8.94 -12.36
C GLN E 32 -5.13 9.43 -13.61
N GLY E 33 -3.85 9.74 -13.52
CA GLY E 33 -3.16 10.28 -14.66
C GLY E 33 -3.16 11.79 -14.61
N GLU E 34 -4.10 12.54 -13.97
CA GLU E 34 -4.05 14.00 -13.90
C GLU E 34 -2.74 14.39 -13.22
N LYS E 35 -2.22 15.59 -13.42
CA LYS E 35 -1.06 16.04 -12.65
C LYS E 35 -1.56 16.46 -11.28
N ALA E 36 -0.81 15.98 -10.30
CA ALA E 36 -1.11 16.31 -8.93
C ALA E 36 -0.65 17.74 -8.65
N GLU E 37 -1.57 18.57 -8.15
CA GLU E 37 -1.22 19.93 -7.76
C GLU E 37 -2.03 20.43 -6.58
N THR E 38 -3.02 19.65 -6.15
CA THR E 38 -3.97 20.11 -5.15
C THR E 38 -4.22 18.96 -4.19
N LEU E 39 -4.14 19.25 -2.90
CA LEU E 39 -4.43 18.29 -1.83
C LEU E 39 -5.91 18.53 -1.53
N TYR E 40 -6.70 17.55 -1.08
CA TYR E 40 -8.10 17.77 -0.73
C TYR E 40 -8.31 17.31 0.67
N TYR E 41 -9.36 17.72 1.38
CA TYR E 41 -9.66 17.16 2.70
C TYR E 41 -11.17 16.94 2.75
N ILE E 42 -11.65 15.75 3.06
CA ILE E 42 -13.07 15.46 3.01
C ILE E 42 -13.73 16.04 4.23
N VAL E 43 -14.50 17.09 4.05
CA VAL E 43 -15.21 17.71 5.16
C VAL E 43 -16.50 16.95 5.37
N LYS E 44 -17.23 16.55 4.34
CA LYS E 44 -18.38 15.69 4.59
C LYS E 44 -18.45 14.71 3.46
N GLY E 45 -19.05 13.54 3.66
CA GLY E 45 -19.21 12.62 2.56
C GLY E 45 -18.17 11.52 2.44
N SER E 46 -18.48 10.59 1.52
CA SER E 46 -17.73 9.40 1.24
C SER E 46 -17.37 9.23 -0.21
N VAL E 47 -16.16 8.75 -0.40
CA VAL E 47 -15.49 8.62 -1.67
C VAL E 47 -14.93 7.19 -1.88
N ALA E 48 -14.79 6.72 -3.11
CA ALA E 48 -14.18 5.43 -3.39
C ALA E 48 -12.99 5.68 -4.28
N VAL E 49 -11.89 5.13 -3.82
CA VAL E 49 -10.60 5.19 -4.49
C VAL E 49 -10.53 3.95 -5.36
N LEU E 50 -10.43 4.07 -6.68
CA LEU E 50 -10.33 2.91 -7.53
C LEU E 50 -9.39 3.01 -8.71
N ILE E 51 -8.93 1.87 -9.24
CA ILE E 51 -8.00 1.80 -10.35
C ILE E 51 -8.63 0.86 -11.35
N LYS E 52 -8.43 1.12 -12.63
CA LYS E 52 -9.06 0.34 -13.69
C LYS E 52 -7.95 -0.15 -14.64
N ASP E 53 -8.18 -1.30 -15.27
CA ASP E 53 -7.26 -1.83 -16.27
C ASP E 53 -7.64 -1.23 -17.62
N GLU E 54 -6.68 -1.12 -18.55
CA GLU E 54 -6.88 -0.57 -19.90
C GLU E 54 -7.97 -1.32 -20.63
N GLU E 55 -8.26 -2.58 -20.32
CA GLU E 55 -9.38 -3.24 -20.96
C GLU E 55 -10.67 -3.15 -20.12
N GLY E 56 -10.77 -2.13 -19.25
CA GLY E 56 -11.98 -1.82 -18.51
C GLY E 56 -12.20 -2.30 -17.08
N LYS E 57 -11.68 -3.43 -16.61
CA LYS E 57 -12.04 -3.92 -15.28
C LYS E 57 -11.53 -2.99 -14.18
N GLU E 58 -12.30 -2.70 -13.15
CA GLU E 58 -11.84 -1.82 -12.11
C GLU E 58 -12.03 -2.42 -10.75
N MET E 59 -11.09 -2.09 -9.89
CA MET E 59 -11.00 -2.56 -8.53
C MET E 59 -10.93 -1.41 -7.54
N ILE E 60 -11.69 -1.52 -6.44
CA ILE E 60 -11.73 -0.51 -5.40
C ILE E 60 -10.56 -0.80 -4.50
N LEU E 61 -9.77 0.24 -4.31
CA LEU E 61 -8.65 0.16 -3.42
C LEU E 61 -9.16 0.51 -2.03
N SER E 62 -10.13 1.43 -1.85
CA SER E 62 -10.70 1.75 -0.52
C SER E 62 -11.79 2.77 -0.56
N TYR E 63 -12.57 2.78 0.49
CA TYR E 63 -13.53 3.83 0.62
C TYR E 63 -12.81 4.72 1.59
N LEU E 64 -12.85 6.02 1.35
CA LEU E 64 -12.26 7.02 2.21
C LEU E 64 -13.50 7.74 2.73
N ASN E 65 -13.63 8.18 3.99
CA ASN E 65 -14.85 8.85 4.43
C ASN E 65 -14.44 10.20 4.99
N GLN E 66 -15.35 11.02 5.51
CA GLN E 66 -14.93 12.31 6.02
C GLN E 66 -13.87 12.28 7.09
N GLY E 67 -13.06 13.33 7.04
CA GLY E 67 -11.94 13.46 7.89
C GLY E 67 -10.67 13.02 7.19
N ASP E 68 -10.76 12.33 6.04
CA ASP E 68 -9.57 11.87 5.34
C ASP E 68 -9.05 12.84 4.31
N PHE E 69 -7.75 12.87 4.19
CA PHE E 69 -7.15 13.64 3.16
C PHE E 69 -7.25 12.84 1.88
N ILE E 70 -7.44 13.47 0.72
CA ILE E 70 -7.47 12.81 -0.58
C ILE E 70 -6.36 13.52 -1.34
N GLY E 71 -5.52 12.83 -2.12
CA GLY E 71 -4.53 13.48 -2.98
C GLY E 71 -3.18 13.76 -2.30
N GLU E 72 -2.89 13.10 -1.17
CA GLU E 72 -1.64 13.31 -0.45
C GLU E 72 -0.41 12.93 -1.24
N LEU E 73 -0.46 11.80 -1.95
CA LEU E 73 0.71 11.22 -2.57
C LEU E 73 1.52 12.03 -3.58
N GLY E 74 1.07 13.23 -3.97
CA GLY E 74 1.87 14.06 -4.88
C GLY E 74 2.64 15.12 -4.09
N LEU E 75 2.17 15.46 -2.88
CA LEU E 75 2.74 16.49 -2.03
C LEU E 75 4.21 16.37 -1.81
N PHE E 76 4.74 15.17 -1.88
CA PHE E 76 6.13 15.03 -1.63
C PHE E 76 7.04 15.11 -2.83
N GLU E 77 6.64 14.70 -4.05
CA GLU E 77 7.61 14.79 -5.14
C GLU E 77 7.00 15.50 -6.34
N GLU E 78 7.79 16.49 -6.76
CA GLU E 78 7.48 17.38 -7.83
C GLU E 78 7.17 16.68 -9.15
N GLY E 79 5.95 16.91 -9.62
CA GLY E 79 5.55 16.49 -10.95
C GLY E 79 4.98 15.09 -11.10
N GLN E 80 4.16 14.63 -10.16
CA GLN E 80 3.64 13.28 -10.27
C GLN E 80 2.18 13.26 -10.71
N GLU E 81 1.81 12.15 -11.32
CA GLU E 81 0.46 11.96 -11.75
C GLU E 81 -0.33 11.43 -10.56
N ARG E 82 -1.63 11.65 -10.58
CA ARG E 82 -2.54 11.13 -9.58
C ARG E 82 -2.61 9.62 -9.79
N SER E 83 -2.42 8.88 -8.68
CA SER E 83 -2.35 7.42 -8.65
C SER E 83 -3.60 6.59 -8.82
N ALA E 84 -4.78 7.14 -8.59
CA ALA E 84 -5.98 6.35 -8.70
C ALA E 84 -7.12 7.29 -9.01
N TRP E 85 -8.33 6.81 -9.28
CA TRP E 85 -9.49 7.67 -9.47
C TRP E 85 -10.17 7.75 -8.12
N VAL E 86 -10.75 8.88 -7.81
CA VAL E 86 -11.41 9.06 -6.54
C VAL E 86 -12.76 9.49 -7.06
N ARG E 87 -13.82 8.72 -6.93
CA ARG E 87 -15.13 9.18 -7.36
C ARG E 87 -16.00 9.33 -6.12
N ALA E 88 -16.83 10.36 -6.03
CA ALA E 88 -17.66 10.64 -4.87
C ALA E 88 -18.78 9.63 -4.73
N LYS E 89 -18.80 8.83 -3.69
CA LYS E 89 -19.86 7.86 -3.49
C LYS E 89 -21.12 8.58 -3.07
N THR E 90 -20.96 9.78 -2.54
CA THR E 90 -22.05 10.55 -1.98
C THR E 90 -21.76 12.01 -2.22
N ALA E 91 -22.59 12.85 -1.64
CA ALA E 91 -22.40 14.27 -1.74
C ALA E 91 -21.22 14.61 -0.86
N CYS E 92 -20.15 15.14 -1.39
CA CYS E 92 -18.99 15.44 -0.60
C CYS E 92 -18.69 16.93 -0.49
N GLU E 93 -18.40 17.39 0.70
CA GLU E 93 -18.01 18.76 0.89
C GLU E 93 -16.52 18.52 0.98
N VAL E 94 -15.73 18.91 -0.01
CA VAL E 94 -14.31 18.63 -0.05
C VAL E 94 -13.51 19.93 -0.04
N ALA E 95 -12.55 20.07 0.85
CA ALA E 95 -11.69 21.23 0.95
C ALA E 95 -10.56 21.10 -0.06
N GLU E 96 -10.05 22.19 -0.65
CA GLU E 96 -8.93 22.15 -1.61
C GLU E 96 -7.79 23.12 -1.32
N ILE E 97 -6.51 22.72 -1.25
CA ILE E 97 -5.36 23.60 -0.98
C ILE E 97 -4.38 23.39 -2.11
N SER E 98 -3.66 24.44 -2.49
CA SER E 98 -2.58 24.36 -3.47
C SER E 98 -1.46 23.57 -2.80
N TYR E 99 -0.79 22.67 -3.49
CA TYR E 99 0.32 21.95 -2.88
C TYR E 99 1.36 22.90 -2.29
N LYS E 100 1.77 23.84 -3.13
CA LYS E 100 2.76 24.87 -2.80
C LYS E 100 2.38 25.64 -1.56
N LYS E 101 1.09 25.75 -1.31
CA LYS E 101 0.67 26.50 -0.18
C LYS E 101 0.67 25.56 1.00
N PHE E 102 0.24 24.31 0.86
CA PHE E 102 0.25 23.37 1.99
C PHE E 102 1.68 23.22 2.52
N ARG E 103 2.65 23.21 1.58
CA ARG E 103 4.06 23.19 1.94
C ARG E 103 4.31 24.26 3.00
N GLN E 104 3.76 25.44 2.76
CA GLN E 104 3.90 26.57 3.67
C GLN E 104 3.26 26.28 5.01
N LEU E 105 2.06 25.75 5.01
CA LEU E 105 1.44 25.48 6.29
C LEU E 105 2.23 24.51 7.12
N ILE E 106 2.95 23.54 6.55
CA ILE E 106 3.78 22.60 7.32
C ILE E 106 4.87 23.30 8.13
N GLN E 107 5.61 24.21 7.46
CA GLN E 107 6.65 25.03 8.08
C GLN E 107 6.06 25.84 9.23
N VAL E 108 4.84 26.32 9.02
CA VAL E 108 4.11 27.07 10.02
C VAL E 108 3.60 26.16 11.15
N ASN E 109 3.16 24.91 10.93
CA ASN E 109 2.86 23.98 12.01
C ASN E 109 2.90 22.53 11.52
N PRO E 110 3.93 21.78 11.93
CA PRO E 110 4.03 20.35 11.68
C PRO E 110 2.86 19.44 12.07
N ASP E 111 1.95 19.76 13.00
CA ASP E 111 0.90 18.81 13.36
C ASP E 111 -0.03 18.47 12.19
N ILE E 112 -0.26 19.31 11.15
CA ILE E 112 -1.05 18.77 10.05
C ILE E 112 -0.16 17.78 9.33
N LEU E 113 1.13 18.02 9.02
CA LEU E 113 1.91 17.00 8.31
C LEU E 113 1.96 15.69 9.11
N MET E 114 1.89 15.79 10.43
CA MET E 114 1.73 14.61 11.25
C MET E 114 0.37 13.96 11.03
N ARG E 115 -0.80 14.62 11.23
CA ARG E 115 -2.12 14.00 11.03
C ARG E 115 -2.25 13.30 9.67
N LEU E 116 -1.65 13.91 8.65
CA LEU E 116 -1.61 13.40 7.28
C LEU E 116 -0.79 12.12 7.15
N SER E 117 0.48 12.17 7.57
CA SER E 117 1.36 11.03 7.48
C SER E 117 0.80 9.90 8.30
N ALA E 118 0.11 10.15 9.40
CA ALA E 118 -0.56 9.09 10.12
C ALA E 118 -1.52 8.35 9.19
N GLN E 119 -2.35 9.15 8.48
CA GLN E 119 -3.34 8.61 7.56
C GLN E 119 -2.64 7.79 6.49
N MET E 120 -1.60 8.27 5.86
CA MET E 120 -0.88 7.45 4.91
C MET E 120 -0.31 6.17 5.55
N ALA E 121 0.13 6.18 6.82
CA ALA E 121 0.66 5.00 7.45
C ALA E 121 -0.39 3.95 7.61
N ARG E 122 -1.57 4.31 8.10
CA ARG E 122 -2.63 3.32 8.22
C ARG E 122 -2.99 2.81 6.85
N ARG E 123 -2.91 3.67 5.84
CA ARG E 123 -3.15 3.21 4.48
C ARG E 123 -2.09 2.22 4.03
N LEU E 124 -0.81 2.44 4.31
CA LEU E 124 0.16 1.46 3.90
C LEU E 124 -0.20 0.14 4.58
N GLN E 125 -0.63 0.22 5.83
CA GLN E 125 -1.02 -0.95 6.58
C GLN E 125 -2.19 -1.68 5.95
N VAL E 126 -3.30 -1.04 5.61
CA VAL E 126 -4.37 -1.80 5.00
C VAL E 126 -4.05 -2.21 3.58
N THR E 127 -3.31 -1.46 2.75
CA THR E 127 -3.10 -1.91 1.38
C THR E 127 -2.16 -3.11 1.30
N SER E 128 -1.21 -3.26 2.23
CA SER E 128 -0.37 -4.45 2.30
C SER E 128 -1.25 -5.64 2.61
N GLU E 129 -2.23 -5.46 3.50
CA GLU E 129 -3.17 -6.53 3.79
C GLU E 129 -3.97 -6.94 2.56
N LYS E 130 -4.54 -6.01 1.78
CA LYS E 130 -5.24 -6.35 0.56
C LYS E 130 -4.31 -7.08 -0.39
N VAL E 131 -3.05 -6.73 -0.54
CA VAL E 131 -2.15 -7.55 -1.33
C VAL E 131 -2.15 -8.96 -0.77
N GLY E 132 -1.99 -9.12 0.54
CA GLY E 132 -2.01 -10.42 1.18
C GLY E 132 -3.23 -11.28 0.88
N ASN E 133 -4.45 -10.77 0.99
CA ASN E 133 -5.67 -11.51 0.67
C ASN E 133 -5.71 -11.96 -0.77
N LEU E 134 -5.41 -11.08 -1.73
CA LEU E 134 -5.38 -11.46 -3.13
C LEU E 134 -4.42 -12.64 -3.37
N ALA E 135 -3.23 -12.54 -2.82
CA ALA E 135 -2.22 -13.57 -2.99
C ALA E 135 -2.54 -14.85 -2.28
N PHE E 136 -3.07 -14.76 -1.07
CA PHE E 136 -3.24 -15.93 -0.25
C PHE E 136 -4.59 -16.59 -0.15
N LEU E 137 -5.65 -15.81 -0.23
CA LEU E 137 -6.98 -16.29 0.09
C LEU E 137 -7.88 -16.46 -1.11
N ASP E 138 -8.57 -17.60 -1.24
CA ASP E 138 -9.46 -17.73 -2.38
C ASP E 138 -10.71 -16.86 -2.17
N VAL E 139 -11.43 -16.57 -3.25
CA VAL E 139 -12.59 -15.70 -3.28
C VAL E 139 -13.51 -15.90 -2.13
N THR E 140 -13.86 -17.12 -1.76
CA THR E 140 -14.74 -17.29 -0.62
C THR E 140 -14.16 -16.60 0.60
N GLY E 141 -12.87 -16.77 0.83
CA GLY E 141 -12.24 -16.15 1.97
C GLY E 141 -12.20 -14.65 1.82
N ARG E 142 -11.84 -14.20 0.61
CA ARG E 142 -11.78 -12.77 0.34
C ARG E 142 -13.15 -12.15 0.57
N ILE E 143 -14.25 -12.64 -0.03
CA ILE E 143 -15.60 -12.10 0.16
C ILE E 143 -15.96 -12.20 1.64
N ALA E 144 -15.52 -13.26 2.34
CA ALA E 144 -15.76 -13.41 3.76
C ALA E 144 -15.22 -12.22 4.56
N GLN E 145 -13.90 -12.02 4.45
CA GLN E 145 -13.21 -10.90 5.07
C GLN E 145 -13.88 -9.59 4.69
N THR E 146 -14.32 -9.43 3.43
CA THR E 146 -15.08 -8.27 3.00
C THR E 146 -16.36 -8.11 3.76
N LEU E 147 -17.25 -9.09 3.81
CA LEU E 147 -18.52 -8.87 4.47
C LEU E 147 -18.36 -8.44 5.92
N LEU E 148 -17.36 -9.09 6.49
CA LEU E 148 -16.89 -8.78 7.82
C LEU E 148 -16.48 -7.31 7.99
N ASN E 149 -15.53 -6.83 7.20
CA ASN E 149 -15.05 -5.47 7.32
C ASN E 149 -16.09 -4.41 7.00
N LEU E 150 -16.94 -4.66 6.01
CA LEU E 150 -17.98 -3.72 5.67
C LEU E 150 -18.86 -3.57 6.88
N ALA E 151 -19.18 -4.66 7.60
CA ALA E 151 -19.95 -4.61 8.84
C ALA E 151 -19.31 -3.93 10.05
N LYS E 152 -18.22 -3.19 9.81
CA LYS E 152 -17.53 -2.41 10.81
C LYS E 152 -17.35 -1.00 10.22
N GLN E 153 -17.56 -0.78 8.91
CA GLN E 153 -17.41 0.52 8.29
C GLN E 153 -18.57 1.43 8.72
N PRO E 154 -18.32 2.68 9.09
CA PRO E 154 -19.33 3.62 9.53
C PRO E 154 -20.44 3.90 8.52
N ASP E 155 -21.45 3.05 8.56
CA ASP E 155 -22.69 3.15 7.80
C ASP E 155 -23.44 1.85 8.01
N ALA E 156 -22.72 0.84 8.51
CA ALA E 156 -23.34 -0.41 8.89
C ALA E 156 -24.39 -0.04 9.92
N MET E 157 -25.57 -0.43 9.51
CA MET E 157 -26.78 -0.25 10.30
C MET E 157 -26.82 -1.54 11.10
N THR E 158 -27.44 -1.54 12.26
CA THR E 158 -27.53 -2.77 13.02
C THR E 158 -28.85 -3.41 12.60
N HIS E 159 -28.97 -4.73 12.63
CA HIS E 159 -30.22 -5.37 12.27
C HIS E 159 -30.52 -6.31 13.40
N PRO E 160 -31.39 -5.98 14.34
CA PRO E 160 -31.27 -6.34 15.75
C PRO E 160 -30.00 -7.08 16.13
N ASP E 161 -29.98 -8.37 15.80
CA ASP E 161 -28.81 -9.19 16.03
C ASP E 161 -28.26 -9.54 14.66
N GLY E 162 -27.12 -8.86 14.51
CA GLY E 162 -26.30 -8.90 13.32
C GLY E 162 -26.09 -7.49 12.79
N MET E 163 -25.19 -7.35 11.83
CA MET E 163 -24.97 -6.07 11.21
C MET E 163 -25.72 -6.11 9.92
N GLN E 164 -26.01 -4.93 9.43
CA GLN E 164 -26.74 -4.77 8.20
C GLN E 164 -25.91 -3.80 7.38
N ILE E 165 -25.55 -4.20 6.17
CA ILE E 165 -24.84 -3.36 5.24
C ILE E 165 -25.63 -3.49 3.95
N LYS E 166 -25.62 -2.43 3.15
CA LYS E 166 -26.32 -2.42 1.88
C LYS E 166 -25.13 -2.31 0.95
N ILE E 167 -24.96 -3.29 0.06
CA ILE E 167 -23.90 -3.29 -0.93
C ILE E 167 -24.25 -4.33 -1.99
N THR E 168 -24.27 -3.88 -3.23
CA THR E 168 -24.62 -4.73 -4.35
C THR E 168 -23.60 -5.82 -4.60
N ARG E 169 -24.00 -6.92 -5.24
CA ARG E 169 -23.06 -7.96 -5.64
C ARG E 169 -21.98 -7.32 -6.50
N GLN E 170 -22.32 -6.36 -7.38
CA GLN E 170 -21.36 -5.55 -8.13
C GLN E 170 -20.14 -5.08 -7.32
N GLU E 171 -20.44 -4.24 -6.32
CA GLU E 171 -19.45 -3.66 -5.45
C GLU E 171 -18.48 -4.64 -4.82
N ILE E 172 -19.05 -5.66 -4.18
CA ILE E 172 -18.25 -6.69 -3.54
C ILE E 172 -17.37 -7.28 -4.63
N GLY E 173 -17.91 -7.55 -5.81
CA GLY E 173 -17.14 -7.99 -6.95
C GLY E 173 -15.90 -7.13 -7.15
N GLN E 174 -16.09 -5.81 -7.18
CA GLN E 174 -15.00 -4.86 -7.31
C GLN E 174 -14.04 -4.81 -6.12
N ILE E 175 -14.48 -5.28 -4.95
CA ILE E 175 -13.64 -5.27 -3.77
C ILE E 175 -12.76 -6.50 -3.70
N VAL E 176 -13.39 -7.60 -3.98
CA VAL E 176 -12.72 -8.85 -3.90
C VAL E 176 -11.94 -9.22 -5.13
N GLY E 177 -12.42 -8.96 -6.33
CA GLY E 177 -11.70 -9.32 -7.52
C GLY E 177 -12.22 -10.64 -8.06
N CYS E 178 -13.48 -10.63 -8.51
CA CYS E 178 -14.13 -11.78 -9.12
C CYS E 178 -15.42 -11.26 -9.75
N SER E 179 -16.18 -12.01 -10.58
CA SER E 179 -17.35 -11.49 -11.28
C SER E 179 -18.61 -11.38 -10.42
N ARG E 180 -19.60 -10.51 -10.74
CA ARG E 180 -20.76 -10.37 -9.84
C ARG E 180 -21.48 -11.69 -9.72
N GLU E 181 -21.34 -12.45 -10.79
CA GLU E 181 -21.91 -13.76 -10.90
C GLU E 181 -21.29 -14.58 -9.80
N THR E 182 -19.95 -14.68 -9.77
CA THR E 182 -19.29 -15.51 -8.76
C THR E 182 -19.56 -15.04 -7.33
N VAL E 183 -19.68 -13.72 -7.22
CA VAL E 183 -20.02 -13.12 -5.95
C VAL E 183 -21.39 -13.68 -5.54
N GLY E 184 -22.36 -13.69 -6.43
CA GLY E 184 -23.66 -14.26 -6.12
C GLY E 184 -23.53 -15.72 -5.69
N ARG E 185 -22.91 -16.49 -6.58
CA ARG E 185 -22.66 -17.90 -6.42
C ARG E 185 -22.18 -18.27 -5.03
N ILE E 186 -21.21 -17.51 -4.51
CA ILE E 186 -20.67 -17.73 -3.17
C ILE E 186 -21.50 -17.12 -2.06
N LEU E 187 -22.20 -16.00 -2.23
CA LEU E 187 -23.02 -15.42 -1.18
C LEU E 187 -24.07 -16.45 -0.77
N LYS E 188 -24.71 -17.13 -1.74
CA LYS E 188 -25.66 -18.21 -1.49
C LYS E 188 -24.97 -19.33 -0.74
N MET E 189 -23.75 -19.72 -1.10
CA MET E 189 -22.99 -20.73 -0.37
C MET E 189 -22.87 -20.32 1.10
N LEU E 190 -22.56 -19.05 1.34
CA LEU E 190 -22.53 -18.51 2.69
C LEU E 190 -23.92 -18.40 3.32
N GLU E 191 -25.02 -18.38 2.54
CA GLU E 191 -26.40 -18.45 3.09
C GLU E 191 -26.73 -19.88 3.53
N ASP E 192 -26.49 -20.91 2.69
CA ASP E 192 -26.67 -22.33 3.03
C ASP E 192 -25.87 -22.55 4.31
N GLN E 193 -24.60 -22.17 4.36
CA GLN E 193 -23.83 -22.20 5.58
C GLN E 193 -24.33 -21.30 6.73
N ASN E 194 -25.48 -20.62 6.70
CA ASN E 194 -26.00 -19.80 7.78
C ASN E 194 -25.19 -18.58 8.23
N LEU E 195 -24.22 -18.08 7.44
CA LEU E 195 -23.41 -16.96 7.88
C LEU E 195 -23.89 -15.65 7.27
N ILE E 196 -24.42 -15.69 6.05
CA ILE E 196 -24.94 -14.47 5.49
C ILE E 196 -26.43 -14.62 5.17
N SER E 197 -27.21 -13.59 5.48
CA SER E 197 -28.62 -13.54 5.10
C SER E 197 -28.69 -12.44 4.05
N ALA E 198 -29.26 -12.66 2.85
CA ALA E 198 -29.20 -11.67 1.79
C ALA E 198 -30.48 -11.49 1.00
N HIS E 199 -30.63 -10.25 0.48
CA HIS E 199 -31.73 -9.87 -0.40
C HIS E 199 -31.47 -8.41 -0.90
N GLY E 200 -30.37 -8.02 -1.58
CA GLY E 200 -30.12 -6.63 -1.96
C GLY E 200 -29.23 -5.90 -0.94
N LYS E 201 -29.55 -6.05 0.34
CA LYS E 201 -28.74 -5.60 1.47
C LYS E 201 -28.34 -6.88 2.23
N THR E 202 -27.25 -6.94 2.96
CA THR E 202 -26.84 -8.15 3.62
C THR E 202 -26.76 -7.91 5.10
N ILE E 203 -27.13 -8.95 5.82
CA ILE E 203 -27.00 -8.97 7.26
C ILE E 203 -25.95 -10.03 7.50
N VAL E 204 -24.85 -9.48 7.97
CA VAL E 204 -23.68 -10.28 8.25
C VAL E 204 -23.94 -10.64 9.68
N VAL E 205 -23.99 -11.94 9.97
CA VAL E 205 -24.18 -12.39 11.34
C VAL E 205 -22.91 -12.13 12.16
N PRO F 9 23.33 15.49 6.11
CA PRO F 9 23.59 16.76 6.78
C PRO F 9 22.49 16.79 7.83
N THR F 10 21.23 17.14 7.52
CA THR F 10 20.13 16.94 8.46
C THR F 10 20.17 15.44 8.77
N LEU F 11 20.50 14.65 7.72
CA LEU F 11 20.73 13.23 7.84
C LEU F 11 21.81 12.93 8.85
N GLU F 12 22.96 13.61 8.78
CA GLU F 12 24.06 13.35 9.70
C GLU F 12 23.60 13.60 11.13
N TRP F 13 22.90 14.73 11.36
CA TRP F 13 22.33 15.06 12.66
C TRP F 13 21.43 13.91 13.16
N PHE F 14 20.55 13.46 12.27
CA PHE F 14 19.66 12.36 12.56
C PHE F 14 20.49 11.17 13.02
N LEU F 15 21.41 10.76 12.15
CA LEU F 15 22.30 9.65 12.38
C LEU F 15 23.05 9.78 13.70
N SER F 16 23.44 10.97 14.14
CA SER F 16 24.11 11.15 15.41
C SER F 16 23.28 10.73 16.63
N HIS F 17 21.94 10.68 16.54
CA HIS F 17 21.13 10.23 17.65
C HIS F 17 20.90 8.72 17.53
N CYS F 18 21.32 8.17 16.41
CA CYS F 18 21.16 6.78 16.12
C CYS F 18 22.35 5.92 16.49
N HIS F 19 22.03 4.65 16.56
CA HIS F 19 22.95 3.65 17.09
C HIS F 19 22.96 2.61 15.99
N ILE F 20 24.10 2.45 15.32
CA ILE F 20 24.21 1.53 14.20
C ILE F 20 24.56 0.12 14.67
N HIS F 21 23.65 -0.81 14.43
CA HIS F 21 23.93 -2.21 14.71
C HIS F 21 24.22 -2.87 13.38
N LYS F 22 24.96 -3.97 13.40
CA LYS F 22 25.26 -4.64 12.15
C LYS F 22 24.45 -5.93 12.16
N TYR F 23 23.98 -6.37 11.00
CA TYR F 23 23.18 -7.58 10.85
C TYR F 23 23.71 -8.29 9.63
N PRO F 24 24.07 -9.57 9.66
CA PRO F 24 24.40 -10.38 8.50
C PRO F 24 23.23 -10.70 7.57
N SER F 25 23.48 -11.20 6.35
CA SER F 25 22.44 -11.63 5.44
C SER F 25 21.64 -12.73 6.14
N LYS F 26 20.36 -12.82 5.81
CA LYS F 26 19.36 -13.71 6.38
C LYS F 26 18.84 -13.29 7.76
N SER F 27 19.38 -12.22 8.37
CA SER F 27 18.86 -11.72 9.63
C SER F 27 17.41 -11.26 9.56
N THR F 28 16.51 -11.75 10.40
CA THR F 28 15.16 -11.23 10.41
C THR F 28 15.17 -10.03 11.35
N LEU F 29 15.52 -8.80 10.88
CA LEU F 29 15.68 -7.63 11.73
C LEU F 29 14.41 -7.16 12.42
N ILE F 30 13.21 -7.37 11.87
CA ILE F 30 11.91 -7.02 12.49
C ILE F 30 11.10 -8.31 12.46
N HIS F 31 10.00 -8.47 13.18
CA HIS F 31 9.15 -9.65 13.01
C HIS F 31 7.71 -9.17 13.14
N GLN F 32 6.75 -9.66 12.34
CA GLN F 32 5.36 -9.24 12.46
C GLN F 32 4.81 -9.72 13.79
N GLY F 33 3.96 -8.94 14.43
CA GLY F 33 3.33 -9.36 15.67
C GLY F 33 3.93 -8.80 16.97
N GLU F 34 5.17 -8.33 17.03
CA GLU F 34 5.74 -7.76 18.25
C GLU F 34 5.28 -6.31 18.29
N LYS F 35 5.72 -5.49 19.23
CA LYS F 35 5.28 -4.13 19.24
C LYS F 35 6.41 -3.28 18.69
N ALA F 36 6.05 -2.13 18.15
CA ALA F 36 6.98 -1.21 17.54
C ALA F 36 7.35 -0.02 18.40
N GLU F 37 8.64 0.14 18.50
CA GLU F 37 9.25 1.11 19.41
C GLU F 37 10.39 1.79 18.70
N THR F 38 10.96 1.16 17.69
CA THR F 38 12.17 1.63 17.03
C THR F 38 11.93 1.98 15.57
N LEU F 39 12.46 3.08 15.06
CA LEU F 39 12.34 3.39 13.65
C LEU F 39 13.70 2.98 13.15
N TYR F 40 13.86 2.30 12.04
CA TYR F 40 15.20 1.88 11.63
C TYR F 40 15.54 2.67 10.38
N TYR F 41 16.76 3.11 10.13
CA TYR F 41 17.14 3.71 8.86
C TYR F 41 18.33 2.90 8.30
N ILE F 42 18.28 2.48 7.04
CA ILE F 42 19.31 1.66 6.44
C ILE F 42 20.50 2.53 6.03
N VAL F 43 21.54 2.37 6.82
CA VAL F 43 22.81 3.01 6.57
C VAL F 43 23.36 2.23 5.38
N LYS F 44 23.46 0.91 5.48
CA LYS F 44 24.02 0.12 4.39
C LYS F 44 23.31 -1.23 4.25
N GLY F 45 23.16 -1.80 3.04
CA GLY F 45 22.57 -3.12 2.80
C GLY F 45 21.27 -3.09 2.00
N SER F 46 20.59 -4.22 1.87
CA SER F 46 19.27 -4.27 1.27
C SER F 46 18.45 -5.26 2.08
N VAL F 47 17.18 -4.95 2.25
CA VAL F 47 16.29 -5.74 3.07
C VAL F 47 15.01 -6.12 2.31
N ALA F 48 14.30 -7.16 2.72
CA ALA F 48 13.08 -7.65 2.11
C ALA F 48 11.93 -7.69 3.09
N VAL F 49 10.82 -7.03 2.80
CA VAL F 49 9.67 -7.02 3.68
C VAL F 49 8.82 -8.22 3.27
N LEU F 50 8.30 -9.00 4.21
CA LEU F 50 7.47 -10.16 3.91
C LEU F 50 6.22 -10.32 4.77
N ILE F 51 5.20 -10.93 4.21
CA ILE F 51 4.07 -11.34 4.99
C ILE F 51 3.92 -12.82 4.72
N LYS F 52 3.38 -13.60 5.66
CA LYS F 52 3.30 -15.05 5.52
C LYS F 52 1.84 -15.45 5.54
N ASP F 53 1.57 -16.42 4.71
CA ASP F 53 0.26 -17.02 4.61
C ASP F 53 -0.12 -17.61 5.94
N GLU F 54 -1.44 -17.62 6.13
CA GLU F 54 -2.11 -18.07 7.35
C GLU F 54 -1.78 -19.46 7.91
N GLU F 55 -0.90 -20.17 7.22
CA GLU F 55 -0.30 -21.43 7.60
C GLU F 55 0.47 -21.74 6.33
N GLY F 56 1.54 -21.01 5.96
CA GLY F 56 2.22 -21.36 4.72
C GLY F 56 3.23 -20.38 4.13
N LYS F 57 3.36 -20.33 2.78
CA LYS F 57 4.47 -19.60 2.16
C LYS F 57 4.30 -18.10 2.38
N GLU F 58 5.38 -17.41 2.14
CA GLU F 58 5.43 -16.02 2.38
C GLU F 58 5.46 -15.30 1.06
N MET F 59 5.07 -14.04 0.98
CA MET F 59 5.08 -13.22 -0.21
C MET F 59 5.93 -11.99 0.08
N ILE F 60 6.84 -11.61 -0.81
CA ILE F 60 7.72 -10.48 -0.57
C ILE F 60 6.99 -9.19 -0.95
N LEU F 61 6.72 -8.27 -0.05
CA LEU F 61 6.05 -7.03 -0.37
C LEU F 61 6.98 -6.01 -0.97
N SER F 62 8.26 -5.88 -0.64
CA SER F 62 9.21 -5.05 -1.39
C SER F 62 10.59 -5.20 -0.84
N TYR F 63 11.56 -4.67 -1.58
CA TYR F 63 12.93 -4.61 -1.15
C TYR F 63 13.10 -3.17 -0.72
N LEU F 64 13.82 -2.91 0.35
CA LEU F 64 14.07 -1.56 0.80
C LEU F 64 15.57 -1.53 0.79
N ASN F 65 16.21 -0.47 0.28
CA ASN F 65 17.67 -0.45 0.24
C ASN F 65 18.17 0.67 1.14
N GLN F 66 19.49 0.89 1.13
CA GLN F 66 20.06 1.97 1.92
C GLN F 66 19.41 3.27 1.51
N GLY F 67 19.04 3.98 2.57
CA GLY F 67 18.33 5.23 2.45
C GLY F 67 16.87 5.16 2.87
N ASP F 68 16.31 3.95 3.00
CA ASP F 68 14.94 3.82 3.43
C ASP F 68 14.84 3.72 4.94
N PHE F 69 13.72 4.09 5.50
CA PHE F 69 13.46 3.86 6.88
C PHE F 69 12.64 2.59 6.94
N ILE F 70 12.65 1.86 8.04
CA ILE F 70 11.89 0.63 8.23
C ILE F 70 11.17 0.83 9.55
N GLY F 71 10.05 0.20 9.85
CA GLY F 71 9.52 0.27 11.18
C GLY F 71 8.45 1.32 11.26
N GLU F 72 8.64 2.48 10.64
CA GLU F 72 7.74 3.65 10.74
C GLU F 72 6.25 3.50 10.89
N LEU F 73 5.60 2.46 10.36
CA LEU F 73 4.16 2.29 10.50
C LEU F 73 3.63 2.32 11.92
N GLY F 74 4.55 2.07 12.86
CA GLY F 74 4.27 2.20 14.28
C GLY F 74 4.28 3.67 14.71
N LEU F 75 5.41 4.37 14.52
CA LEU F 75 5.66 5.76 14.85
C LEU F 75 4.54 6.74 15.19
N PHE F 76 3.46 6.66 14.43
CA PHE F 76 2.34 7.57 14.58
C PHE F 76 1.28 7.18 15.63
N GLU F 77 1.27 5.98 16.21
CA GLU F 77 0.25 5.67 17.18
C GLU F 77 0.80 4.69 18.19
N GLU F 78 0.47 4.92 19.45
CA GLU F 78 0.97 4.10 20.52
C GLU F 78 0.36 2.71 20.55
N GLY F 79 1.20 1.74 20.87
CA GLY F 79 0.77 0.36 21.04
C GLY F 79 0.59 -0.39 19.73
N GLN F 80 1.33 0.06 18.74
CA GLN F 80 1.24 -0.52 17.42
C GLN F 80 2.14 -1.73 17.19
N GLU F 81 1.60 -2.77 16.55
CA GLU F 81 2.34 -3.99 16.29
C GLU F 81 3.09 -3.90 14.97
N ARG F 82 4.13 -4.71 14.80
CA ARG F 82 4.87 -4.66 13.54
C ARG F 82 4.04 -5.43 12.55
N SER F 83 3.88 -4.84 11.37
CA SER F 83 3.04 -5.36 10.30
C SER F 83 3.59 -6.48 9.45
N ALA F 84 4.89 -6.59 9.25
CA ALA F 84 5.43 -7.63 8.39
C ALA F 84 6.82 -7.99 8.89
N TRP F 85 7.45 -8.99 8.31
CA TRP F 85 8.81 -9.36 8.67
C TRP F 85 9.82 -8.63 7.76
N VAL F 86 11.03 -8.37 8.21
CA VAL F 86 12.01 -7.65 7.41
C VAL F 86 13.25 -8.50 7.59
N ARG F 87 13.64 -9.22 6.56
CA ARG F 87 14.82 -10.07 6.58
C ARG F 87 15.90 -9.46 5.71
N ALA F 88 17.16 -9.57 6.11
CA ALA F 88 18.27 -9.00 5.37
C ALA F 88 18.70 -9.80 4.14
N LYS F 89 18.80 -9.12 3.00
CA LYS F 89 19.20 -9.71 1.73
C LYS F 89 20.68 -10.00 1.73
N THR F 90 21.29 -8.90 2.18
CA THR F 90 22.71 -8.64 2.24
C THR F 90 23.07 -8.25 3.67
N ALA F 91 24.33 -8.07 4.01
CA ALA F 91 24.65 -7.64 5.36
C ALA F 91 24.37 -6.15 5.40
N CYS F 92 23.81 -5.74 6.52
CA CYS F 92 23.32 -4.39 6.66
C CYS F 92 23.78 -3.70 7.92
N GLU F 93 23.86 -2.38 7.88
CA GLU F 93 24.16 -1.53 9.03
C GLU F 93 22.86 -0.78 9.25
N VAL F 94 22.22 -0.94 10.39
CA VAL F 94 20.92 -0.35 10.62
C VAL F 94 21.03 0.73 11.67
N ALA F 95 20.77 2.00 11.35
CA ALA F 95 20.84 3.06 12.36
C ALA F 95 19.49 3.15 13.04
N GLU F 96 19.42 2.93 14.32
CA GLU F 96 18.15 3.08 14.99
C GLU F 96 18.07 4.27 15.91
N ILE F 97 16.86 4.80 16.10
CA ILE F 97 16.55 5.71 17.19
C ILE F 97 15.26 5.13 17.71
N SER F 98 14.81 5.51 18.89
CA SER F 98 13.51 5.05 19.31
C SER F 98 12.52 6.08 18.77
N TYR F 99 11.24 5.73 18.79
CA TYR F 99 10.15 6.63 18.40
C TYR F 99 10.08 7.91 19.24
N LYS F 100 10.13 7.80 20.59
CA LYS F 100 10.16 8.95 21.53
C LYS F 100 11.20 9.98 21.05
N LYS F 101 12.43 9.47 20.90
CA LYS F 101 13.54 10.26 20.41
C LYS F 101 13.20 10.84 19.04
N PHE F 102 12.68 10.03 18.11
CA PHE F 102 12.32 10.51 16.78
C PHE F 102 11.37 11.68 16.92
N ARG F 103 10.35 11.63 17.78
CA ARG F 103 9.42 12.75 18.02
C ARG F 103 10.09 14.08 18.44
N GLN F 104 11.02 14.01 19.39
CA GLN F 104 11.80 15.18 19.81
C GLN F 104 12.49 15.73 18.57
N LEU F 105 13.19 14.87 17.86
CA LEU F 105 13.91 15.22 16.65
C LEU F 105 13.00 15.73 15.55
N ILE F 106 11.72 15.36 15.54
CA ILE F 106 10.71 15.87 14.61
C ILE F 106 10.60 17.37 14.87
N GLN F 107 10.30 17.72 16.12
CA GLN F 107 10.15 19.11 16.51
C GLN F 107 11.37 19.98 16.27
N VAL F 108 12.54 19.39 16.49
CA VAL F 108 13.81 20.07 16.25
C VAL F 108 14.01 20.25 14.75
N ASN F 109 13.76 19.24 13.91
CA ASN F 109 13.79 19.51 12.50
C ASN F 109 12.86 18.68 11.62
N PRO F 110 11.82 19.36 11.12
CA PRO F 110 10.79 18.76 10.27
C PRO F 110 11.28 17.99 9.04
N ASP F 111 12.47 18.29 8.53
CA ASP F 111 12.93 17.66 7.31
C ASP F 111 13.08 16.16 7.44
N ILE F 112 13.32 15.52 8.61
CA ILE F 112 13.32 14.06 8.60
C ILE F 112 11.89 13.60 8.42
N LEU F 113 10.91 14.23 9.07
CA LEU F 113 9.50 13.87 8.94
C LEU F 113 9.08 14.02 7.48
N MET F 114 9.57 15.02 6.76
CA MET F 114 9.26 15.15 5.36
C MET F 114 9.87 14.01 4.57
N ARG F 115 11.19 13.79 4.57
CA ARG F 115 11.78 12.70 3.80
C ARG F 115 11.15 11.36 4.18
N LEU F 116 10.83 11.08 5.44
CA LEU F 116 10.14 9.85 5.79
C LEU F 116 8.76 9.80 5.16
N SER F 117 7.94 10.87 5.15
CA SER F 117 6.63 10.86 4.54
C SER F 117 6.68 10.65 3.06
N ALA F 118 7.75 11.14 2.49
CA ALA F 118 7.96 10.92 1.09
C ALA F 118 8.04 9.43 0.84
N GLN F 119 8.85 8.75 1.67
CA GLN F 119 8.97 7.31 1.60
C GLN F 119 7.65 6.60 1.78
N MET F 120 6.90 6.96 2.81
CA MET F 120 5.55 6.45 3.02
C MET F 120 4.73 6.58 1.72
N ALA F 121 4.62 7.79 1.15
CA ALA F 121 3.91 8.03 -0.10
C ALA F 121 4.31 7.08 -1.21
N ARG F 122 5.62 6.83 -1.46
CA ARG F 122 6.05 5.88 -2.50
C ARG F 122 5.61 4.47 -2.24
N ARG F 123 5.86 3.92 -1.05
CA ARG F 123 5.45 2.56 -0.74
C ARG F 123 3.96 2.41 -1.00
N LEU F 124 3.09 3.34 -0.57
CA LEU F 124 1.66 3.26 -0.85
C LEU F 124 1.45 3.24 -2.33
N GLN F 125 2.12 4.11 -3.05
CA GLN F 125 2.00 4.19 -4.48
C GLN F 125 2.32 2.85 -5.16
N VAL F 126 3.44 2.23 -4.82
CA VAL F 126 3.82 0.99 -5.46
C VAL F 126 2.96 -0.16 -4.98
N THR F 127 2.54 -0.19 -3.73
CA THR F 127 1.75 -1.28 -3.26
C THR F 127 0.38 -1.19 -3.88
N SER F 128 -0.18 0.01 -4.12
CA SER F 128 -1.42 0.15 -4.87
C SER F 128 -1.24 -0.48 -6.24
N GLU F 129 -0.09 -0.23 -6.87
CA GLU F 129 0.22 -0.89 -8.12
C GLU F 129 0.15 -2.39 -7.89
N LYS F 130 0.79 -2.97 -6.86
CA LYS F 130 0.75 -4.41 -6.64
C LYS F 130 -0.63 -5.00 -6.48
N VAL F 131 -1.56 -4.31 -5.80
CA VAL F 131 -2.94 -4.76 -5.76
C VAL F 131 -3.42 -4.80 -7.20
N GLY F 132 -3.17 -3.75 -8.00
CA GLY F 132 -3.56 -3.71 -9.39
C GLY F 132 -3.07 -4.91 -10.18
N ASN F 133 -1.76 -5.09 -10.22
CA ASN F 133 -1.14 -6.22 -10.88
C ASN F 133 -1.65 -7.56 -10.36
N LEU F 134 -1.88 -7.76 -9.08
CA LEU F 134 -2.38 -9.04 -8.62
C LEU F 134 -3.78 -9.25 -9.18
N ALA F 135 -4.54 -8.18 -9.38
CA ALA F 135 -5.88 -8.29 -9.89
C ALA F 135 -6.10 -8.26 -11.38
N PHE F 136 -5.26 -7.60 -12.17
CA PHE F 136 -5.49 -7.46 -13.58
C PHE F 136 -4.56 -8.19 -14.51
N LEU F 137 -3.45 -8.70 -14.00
CA LEU F 137 -2.45 -9.33 -14.82
C LEU F 137 -2.32 -10.80 -14.47
N ASP F 138 -2.04 -11.60 -15.49
CA ASP F 138 -1.85 -13.04 -15.30
C ASP F 138 -0.40 -13.31 -14.90
N VAL F 139 -0.07 -14.47 -14.33
CA VAL F 139 1.26 -14.70 -13.80
C VAL F 139 2.36 -14.35 -14.78
N THR F 140 2.22 -14.71 -16.04
CA THR F 140 3.23 -14.39 -17.02
C THR F 140 3.50 -12.89 -17.05
N GLY F 141 2.45 -12.09 -17.02
CA GLY F 141 2.59 -10.66 -17.09
C GLY F 141 3.20 -10.11 -15.81
N ARG F 142 2.84 -10.72 -14.69
CA ARG F 142 3.44 -10.35 -13.43
C ARG F 142 4.94 -10.62 -13.47
N ILE F 143 5.36 -11.81 -13.95
CA ILE F 143 6.76 -12.13 -14.03
C ILE F 143 7.46 -11.20 -15.02
N ALA F 144 6.81 -10.77 -16.09
CA ALA F 144 7.39 -9.78 -16.97
C ALA F 144 7.60 -8.47 -16.23
N GLN F 145 6.56 -7.92 -15.56
CA GLN F 145 6.71 -6.68 -14.84
C GLN F 145 7.86 -6.82 -13.86
N THR F 146 7.93 -7.90 -13.10
CA THR F 146 8.98 -8.12 -12.13
C THR F 146 10.39 -8.14 -12.68
N LEU F 147 10.73 -8.86 -13.74
CA LEU F 147 12.06 -8.78 -14.32
C LEU F 147 12.33 -7.37 -14.80
N LEU F 148 11.36 -6.66 -15.34
CA LEU F 148 11.54 -5.26 -15.74
C LEU F 148 11.97 -4.36 -14.57
N ASN F 149 11.23 -4.53 -13.49
CA ASN F 149 11.46 -3.82 -12.26
C ASN F 149 12.77 -4.24 -11.64
N LEU F 150 13.09 -5.53 -11.56
CA LEU F 150 14.34 -6.00 -10.99
C LEU F 150 15.48 -5.51 -11.82
N ALA F 151 15.37 -5.30 -13.12
CA ALA F 151 16.48 -4.71 -13.82
C ALA F 151 16.63 -3.23 -13.53
N LYS F 152 15.65 -2.70 -12.82
CA LYS F 152 15.64 -1.31 -12.44
C LYS F 152 16.01 -1.23 -10.93
N GLN F 153 15.79 -2.27 -10.13
CA GLN F 153 16.10 -2.34 -8.71
C GLN F 153 17.60 -2.32 -8.46
N PRO F 154 18.18 -1.26 -7.91
CA PRO F 154 19.61 -0.99 -7.88
C PRO F 154 20.64 -2.06 -7.50
N ASP F 155 20.79 -3.15 -8.22
CA ASP F 155 21.79 -4.17 -7.97
C ASP F 155 21.82 -5.13 -9.14
N ALA F 156 21.43 -4.64 -10.31
CA ALA F 156 21.52 -5.44 -11.49
C ALA F 156 22.84 -5.02 -12.11
N MET F 157 23.67 -5.95 -12.53
CA MET F 157 24.92 -5.59 -13.17
C MET F 157 24.50 -5.33 -14.60
N THR F 158 25.11 -4.32 -15.15
CA THR F 158 24.99 -3.98 -16.54
C THR F 158 25.28 -5.19 -17.43
N HIS F 159 24.59 -5.44 -18.53
CA HIS F 159 25.00 -6.52 -19.42
C HIS F 159 24.98 -5.86 -20.78
N PRO F 160 25.97 -6.04 -21.66
CA PRO F 160 26.24 -5.16 -22.80
C PRO F 160 25.03 -4.94 -23.71
N ASP F 161 24.33 -6.06 -23.78
CA ASP F 161 23.03 -6.12 -24.39
C ASP F 161 22.32 -6.81 -23.22
N GLY F 162 21.64 -5.98 -22.42
CA GLY F 162 20.74 -6.40 -21.35
C GLY F 162 21.05 -5.85 -19.96
N MET F 163 20.29 -6.33 -18.98
CA MET F 163 20.58 -6.05 -17.58
C MET F 163 20.51 -7.39 -16.90
N GLN F 164 21.47 -7.67 -16.01
CA GLN F 164 21.60 -8.96 -15.36
C GLN F 164 21.34 -8.87 -13.88
N ILE F 165 20.44 -9.73 -13.45
CA ILE F 165 20.01 -9.77 -12.09
C ILE F 165 20.30 -11.19 -11.58
N LYS F 166 20.59 -11.38 -10.29
CA LYS F 166 20.77 -12.70 -9.71
C LYS F 166 19.44 -12.83 -8.98
N ILE F 167 18.71 -13.90 -9.23
CA ILE F 167 17.41 -14.05 -8.61
C ILE F 167 17.11 -15.53 -8.72
N THR F 168 16.30 -16.05 -7.81
CA THR F 168 15.92 -17.43 -7.84
C THR F 168 14.46 -17.50 -8.23
N ARG F 169 14.09 -18.55 -8.97
CA ARG F 169 12.70 -18.81 -9.34
C ARG F 169 11.83 -18.74 -8.12
N GLN F 170 12.29 -19.28 -6.98
CA GLN F 170 11.57 -19.16 -5.73
C GLN F 170 11.33 -17.71 -5.32
N GLU F 171 12.29 -16.80 -5.50
CA GLU F 171 12.09 -15.42 -5.10
C GLU F 171 11.06 -14.81 -6.02
N ILE F 172 11.18 -15.05 -7.35
CA ILE F 172 10.23 -14.47 -8.27
C ILE F 172 8.86 -14.99 -7.92
N GLY F 173 8.70 -16.28 -7.66
CA GLY F 173 7.43 -16.83 -7.23
C GLY F 173 6.89 -16.07 -6.06
N GLN F 174 7.67 -15.87 -5.01
CA GLN F 174 7.23 -15.13 -3.83
C GLN F 174 6.87 -13.67 -4.11
N ILE F 175 7.50 -13.01 -5.06
CA ILE F 175 7.11 -11.67 -5.45
C ILE F 175 5.77 -11.76 -6.18
N VAL F 176 5.68 -12.63 -7.17
CA VAL F 176 4.54 -12.75 -8.06
C VAL F 176 3.26 -13.31 -7.53
N GLY F 177 3.37 -14.42 -6.83
CA GLY F 177 2.28 -15.18 -6.27
C GLY F 177 2.04 -16.47 -7.05
N CYS F 178 3.05 -17.33 -7.21
CA CYS F 178 2.89 -18.62 -7.91
C CYS F 178 4.05 -19.56 -7.61
N SER F 179 3.95 -20.87 -7.85
CA SER F 179 4.99 -21.87 -7.56
C SER F 179 6.33 -21.63 -8.19
N ARG F 180 7.43 -22.03 -7.56
CA ARG F 180 8.72 -21.90 -8.20
C ARG F 180 8.77 -22.59 -9.56
N GLU F 181 8.06 -23.70 -9.66
CA GLU F 181 8.05 -24.36 -10.95
C GLU F 181 7.14 -23.61 -11.91
N THR F 182 6.08 -22.89 -11.50
CA THR F 182 5.29 -22.08 -12.42
C THR F 182 6.23 -21.02 -13.03
N VAL F 183 7.01 -20.39 -12.15
CA VAL F 183 8.00 -19.42 -12.57
C VAL F 183 8.88 -20.08 -13.62
N GLY F 184 9.39 -21.27 -13.30
CA GLY F 184 10.23 -22.04 -14.20
C GLY F 184 9.63 -22.13 -15.59
N ARG F 185 8.44 -22.72 -15.65
CA ARG F 185 7.68 -22.86 -16.88
C ARG F 185 7.69 -21.58 -17.72
N ILE F 186 7.34 -20.45 -17.09
CA ILE F 186 7.29 -19.20 -17.82
C ILE F 186 8.63 -18.65 -18.25
N LEU F 187 9.63 -18.77 -17.40
CA LEU F 187 10.98 -18.32 -17.72
C LEU F 187 11.49 -19.11 -18.93
N LYS F 188 11.07 -20.37 -19.05
CA LYS F 188 11.43 -21.17 -20.20
C LYS F 188 10.76 -20.49 -21.37
N MET F 189 9.46 -20.20 -21.30
CA MET F 189 8.79 -19.54 -22.41
C MET F 189 9.43 -18.21 -22.83
N LEU F 190 9.79 -17.35 -21.89
CA LEU F 190 10.43 -16.07 -22.22
C LEU F 190 11.85 -16.23 -22.78
N GLU F 191 12.58 -17.30 -22.43
CA GLU F 191 13.85 -17.61 -23.06
C GLU F 191 13.60 -17.99 -24.51
N ASP F 192 12.65 -18.90 -24.79
CA ASP F 192 12.36 -19.34 -26.15
C ASP F 192 11.96 -18.20 -27.05
N GLN F 193 11.40 -17.16 -26.46
CA GLN F 193 11.08 -15.97 -27.22
C GLN F 193 12.19 -14.96 -27.38
N ASN F 194 13.38 -15.30 -26.92
CA ASN F 194 14.56 -14.47 -27.00
C ASN F 194 14.34 -13.14 -26.31
N LEU F 195 13.65 -13.19 -25.18
CA LEU F 195 13.45 -11.99 -24.40
C LEU F 195 14.32 -12.07 -23.15
N ILE F 196 14.51 -13.30 -22.66
CA ILE F 196 15.19 -13.52 -21.39
C ILE F 196 16.30 -14.56 -21.57
N SER F 197 17.38 -14.45 -20.81
CA SER F 197 18.42 -15.48 -20.80
C SER F 197 18.69 -15.81 -19.35
N ALA F 198 18.87 -17.05 -18.92
CA ALA F 198 18.99 -17.32 -17.50
C ALA F 198 19.90 -18.50 -17.19
N HIS F 199 20.34 -18.60 -15.92
CA HIS F 199 21.08 -19.73 -15.34
C HIS F 199 21.30 -19.33 -13.88
N GLY F 200 20.31 -19.21 -12.96
CA GLY F 200 20.54 -18.63 -11.61
C GLY F 200 20.69 -17.07 -11.59
N LYS F 201 21.35 -16.58 -12.67
CA LYS F 201 21.47 -15.19 -13.12
C LYS F 201 20.60 -15.04 -14.39
N THR F 202 19.69 -14.07 -14.44
CA THR F 202 18.81 -13.90 -15.58
C THR F 202 19.15 -12.54 -16.14
N ILE F 203 19.09 -12.44 -17.46
CA ILE F 203 19.31 -11.23 -18.20
C ILE F 203 17.97 -10.87 -18.86
N VAL F 204 17.54 -9.68 -18.55
CA VAL F 204 16.30 -9.15 -19.06
C VAL F 204 16.96 -8.43 -20.21
N VAL F 205 16.82 -8.93 -21.44
CA VAL F 205 17.47 -8.28 -22.57
C VAL F 205 16.50 -7.26 -23.16
P CMP G . -2.90 10.98 -5.52
O1P CMP G . -1.88 10.02 -6.01
O2P CMP G . -2.62 12.42 -5.51
O5' CMP G . -4.21 10.71 -6.34
C5' CMP G . -4.97 9.53 -6.14
C4' CMP G . -5.33 9.46 -4.72
O4' CMP G . -6.06 8.28 -4.36
C3' CMP G . -4.05 9.33 -3.98
O3' CMP G . -3.39 10.58 -4.06
C2' CMP G . -4.54 8.93 -2.60
O2' CMP G . -5.14 10.02 -1.89
C1' CMP G . -5.65 7.93 -3.03
N9 CMP G . -5.12 6.55 -2.98
C8 CMP G . -4.23 5.87 -3.79
N7 CMP G . -3.95 4.66 -3.39
C5 CMP G . -4.71 4.52 -2.23
C6 CMP G . -4.86 3.46 -1.31
N6 CMP G . -4.19 2.32 -1.40
N1 CMP G . -5.70 3.65 -0.30
C2 CMP G . -6.32 4.83 -0.21
N3 CMP G . -6.27 5.90 -0.97
C4 CMP G . -5.43 5.66 -1.98
HO2' CMP G . -5.68 9.62 -1.20
HN61 CMP G . -3.63 2.13 -2.24
HN62 CMP G . -4.15 1.65 -0.65
P CMP H . 6.47 -1.90 10.70
O1P CMP H . 5.04 -1.73 11.05
O2P CMP H . 7.49 -1.71 11.75
O5' CMP H . 6.59 -3.45 10.26
C5' CMP H . 7.12 -3.84 8.99
C4' CMP H . 7.78 -2.67 8.30
O4' CMP H . 8.09 -2.95 6.94
C3' CMP H . 6.81 -1.53 8.27
O3' CMP H . 6.85 -0.88 9.51
C2' CMP H . 7.43 -0.73 7.18
O2' CMP H . 8.66 -0.17 7.66
C1' CMP H . 7.73 -1.81 6.15
N9 CMP H . 6.55 -2.08 5.30
C8 CMP H . 5.34 -2.63 5.62
N7 CMP H . 4.52 -2.75 4.63
C5 CMP H . 5.24 -2.26 3.55
C6 CMP H . 4.93 -2.12 2.19
N6 CMP H . 3.75 -2.46 1.66
N1 CMP H . 5.88 -1.59 1.38
C2 CMP H . 7.04 -1.24 1.92
N3 CMP H . 7.45 -1.31 3.18
C4 CMP H . 6.48 -1.85 3.96
HO2' CMP H . 9.09 0.17 6.87
HN61 CMP H . 3.00 -2.86 2.23
HN62 CMP H . 3.58 -2.29 0.69
#